data_2WNG
#
_entry.id   2WNG
#
_cell.length_a   47.410
_cell.length_b   84.370
_cell.length_c   98.860
_cell.angle_alpha   90.00
_cell.angle_beta   90.00
_cell.angle_gamma   90.00
#
_symmetry.space_group_name_H-M   'P 21 21 21'
#
loop_
_entity.id
_entity.type
_entity.pdbx_description
1 polymer 'TYROSINE-PROTEIN PHOSPHATASE NON-RECEPTOR TYPE SUBSTRATE 1'
2 non-polymer 2-acetamido-2-deoxy-beta-D-glucopyranose
3 water water
#
_entity_poly.entity_id   1
_entity_poly.type   'polypeptide(L)'
_entity_poly.pdbx_seq_one_letter_code
;EEELQVIQPDKSVSVAAGESAILHCTVTSLIPVGPIQWFRGAGPARELIYNQKEGHFPRVTTVSESTKRENMDFSISISN
ITPADAGTYYCVKFRKGSPDTEFKSGAGTELSVRAKPSAPVVSGPAARATPQHTVSFTCESHGFSPRDITLKWFKNGNEL
SDFQTNVDPVGESVSYSIHSTAKVVLTREDVHSQVICEVAHVTLQGDPLRGTANLSETIRVPPTLEVTQQPVRAENQVNV
TCQVRKFYPQRLQLTWLENGNVSRTETASTVTENKDGTYNWMSWLLVNVSAHRDDVKLTCQVEHDGQPAVSKSHDLKVST
RHHHHHH
;
_entity_poly.pdbx_strand_id   A
#
loop_
_chem_comp.id
_chem_comp.type
_chem_comp.name
_chem_comp.formula
NAG D-saccharide, beta linking 2-acetamido-2-deoxy-beta-D-glucopyranose 'C8 H15 N O6'
#
# COMPACT_ATOMS: atom_id res chain seq x y z
N GLU A 1 -31.69 -20.08 -48.54
CA GLU A 1 -31.08 -19.29 -47.47
C GLU A 1 -31.53 -19.74 -46.09
N GLU A 2 -30.59 -20.19 -45.27
CA GLU A 2 -30.90 -20.65 -43.93
C GLU A 2 -31.25 -19.49 -43.00
N GLU A 3 -31.95 -19.83 -41.92
CA GLU A 3 -32.39 -18.84 -40.94
C GLU A 3 -31.24 -18.08 -40.29
N LEU A 4 -31.46 -16.77 -40.08
CA LEU A 4 -30.49 -15.89 -39.45
C LEU A 4 -29.90 -16.46 -38.16
N GLN A 5 -28.58 -16.47 -38.09
CA GLN A 5 -27.84 -16.86 -36.89
C GLN A 5 -26.96 -15.70 -36.43
N VAL A 6 -26.86 -15.52 -35.12
CA VAL A 6 -26.00 -14.48 -34.53
C VAL A 6 -24.73 -15.16 -34.02
N ILE A 7 -23.59 -14.75 -34.57
CA ILE A 7 -22.33 -15.40 -34.26
C ILE A 7 -21.31 -14.54 -33.55
N GLN A 8 -21.01 -14.89 -32.30
CA GLN A 8 -19.95 -14.26 -31.52
C GLN A 8 -18.80 -15.27 -31.47
N PRO A 9 -17.79 -15.10 -32.33
CA PRO A 9 -16.71 -16.08 -32.46
C PRO A 9 -15.81 -16.26 -31.26
N ASP A 10 -15.74 -15.24 -30.40
CA ASP A 10 -14.89 -15.29 -29.21
C ASP A 10 -15.72 -15.56 -27.96
N LYS A 11 -15.34 -16.58 -27.21
CA LYS A 11 -16.00 -16.88 -25.95
C LYS A 11 -15.51 -15.90 -24.87
N SER A 12 -14.24 -15.50 -24.96
CA SER A 12 -13.67 -14.56 -23.99
C SER A 12 -12.60 -13.64 -24.59
N VAL A 13 -12.50 -12.45 -24.02
CA VAL A 13 -11.53 -11.45 -24.44
C VAL A 13 -10.89 -10.84 -23.19
N SER A 14 -9.58 -10.63 -23.23
CA SER A 14 -8.84 -10.03 -22.11
C SER A 14 -8.23 -8.70 -22.53
N VAL A 15 -8.59 -7.63 -21.83
CA VAL A 15 -8.12 -6.29 -22.15
C VAL A 15 -7.41 -5.65 -20.94
N ALA A 16 -6.37 -4.86 -21.21
CA ALA A 16 -5.70 -4.11 -20.16
C ALA A 16 -6.48 -2.81 -19.90
N ALA A 17 -6.59 -2.43 -18.65
CA ALA A 17 -7.31 -1.22 -18.29
C ALA A 17 -6.77 -0.01 -19.06
N GLY A 18 -7.67 0.82 -19.57
CA GLY A 18 -7.30 2.00 -20.35
C GLY A 18 -7.35 1.78 -21.85
N GLU A 19 -7.24 0.53 -22.29
CA GLU A 19 -7.28 0.22 -23.71
C GLU A 19 -8.71 0.12 -24.25
N SER A 20 -8.80 -0.25 -25.51
CA SER A 20 -10.09 -0.49 -26.15
C SER A 20 -10.30 -1.99 -26.29
N ALA A 21 -11.54 -2.42 -26.10
CA ALA A 21 -11.89 -3.82 -26.25
C ALA A 21 -12.69 -4.02 -27.53
N ILE A 22 -12.36 -5.07 -28.28
CA ILE A 22 -13.10 -5.41 -29.48
C ILE A 22 -14.01 -6.60 -29.22
N LEU A 23 -15.31 -6.40 -29.36
CA LEU A 23 -16.27 -7.48 -29.24
C LEU A 23 -16.83 -7.81 -30.64
N HIS A 24 -16.57 -9.03 -31.11
CA HIS A 24 -16.96 -9.43 -32.45
C HIS A 24 -18.36 -10.01 -32.53
N CYS A 25 -19.03 -9.72 -33.65
CA CYS A 25 -20.35 -10.26 -33.92
C CYS A 25 -20.68 -10.14 -35.39
N THR A 26 -21.12 -11.24 -35.99
CA THR A 26 -21.59 -11.22 -37.37
C THR A 26 -22.93 -11.97 -37.47
N VAL A 27 -23.83 -11.45 -38.30
CA VAL A 27 -25.11 -12.12 -38.54
C VAL A 27 -25.02 -12.75 -39.93
N THR A 28 -25.71 -13.86 -40.12
CA THR A 28 -25.67 -14.59 -41.38
C THR A 28 -26.70 -14.15 -42.40
N SER A 29 -27.84 -13.66 -41.95
CA SER A 29 -28.87 -13.19 -42.86
C SER A 29 -29.23 -11.74 -42.59
N LEU A 30 -29.81 -11.06 -43.58
CA LEU A 30 -30.27 -9.68 -43.41
C LEU A 30 -31.74 -9.68 -42.97
N ILE A 31 -32.42 -10.80 -43.16
CA ILE A 31 -33.82 -10.94 -42.78
C ILE A 31 -33.91 -11.87 -41.59
N PRO A 32 -34.93 -11.70 -40.74
CA PRO A 32 -35.94 -10.63 -40.87
C PRO A 32 -35.36 -9.25 -40.57
N VAL A 33 -36.04 -8.20 -41.03
CA VAL A 33 -35.58 -6.84 -40.81
C VAL A 33 -35.58 -6.43 -39.34
N GLY A 34 -34.56 -5.68 -38.93
CA GLY A 34 -34.44 -5.26 -37.54
C GLY A 34 -33.02 -4.97 -37.11
N PRO A 35 -32.88 -4.15 -36.07
CA PRO A 35 -31.61 -3.69 -35.52
C PRO A 35 -30.87 -4.69 -34.65
N ILE A 36 -29.54 -4.56 -34.62
CA ILE A 36 -28.69 -5.32 -33.74
C ILE A 36 -28.39 -4.41 -32.54
N GLN A 37 -28.47 -4.99 -31.34
CA GLN A 37 -28.15 -4.26 -30.12
C GLN A 37 -27.18 -5.09 -29.28
N TRP A 38 -26.34 -4.39 -28.54
CA TRP A 38 -25.39 -5.04 -27.62
C TRP A 38 -25.80 -4.79 -26.18
N PHE A 39 -25.71 -5.86 -25.38
CA PHE A 39 -26.02 -5.79 -23.96
C PHE A 39 -24.89 -6.41 -23.14
N ARG A 40 -24.77 -5.94 -21.90
CA ARG A 40 -23.93 -6.61 -20.93
C ARG A 40 -24.88 -7.30 -19.95
N GLY A 41 -24.69 -8.61 -19.74
CA GLY A 41 -25.59 -9.38 -18.89
C GLY A 41 -26.82 -9.78 -19.67
N ALA A 42 -27.54 -10.76 -19.15
CA ALA A 42 -28.75 -11.25 -19.80
C ALA A 42 -29.90 -11.21 -18.81
N GLY A 43 -31.08 -11.62 -19.27
CA GLY A 43 -32.28 -11.67 -18.46
C GLY A 43 -32.58 -10.41 -17.69
N PRO A 44 -32.85 -10.55 -16.38
CA PRO A 44 -33.16 -9.43 -15.49
C PRO A 44 -32.04 -8.39 -15.41
N ALA A 45 -32.41 -7.14 -15.63
CA ALA A 45 -31.48 -6.02 -15.55
C ALA A 45 -30.21 -6.13 -16.40
N ARG A 46 -30.37 -6.38 -17.70
CA ARG A 46 -29.21 -6.37 -18.59
C ARG A 46 -29.04 -4.93 -19.06
N GLU A 47 -27.80 -4.55 -19.32
CA GLU A 47 -27.44 -3.17 -19.64
C GLU A 47 -27.19 -2.91 -21.13
N LEU A 48 -27.95 -1.99 -21.70
CA LEU A 48 -27.75 -1.59 -23.10
C LEU A 48 -26.37 -0.94 -23.27
N ILE A 49 -25.57 -1.53 -24.17
CA ILE A 49 -24.21 -1.08 -24.47
C ILE A 49 -24.13 -0.33 -25.81
N TYR A 50 -25.00 -0.70 -26.74
CA TYR A 50 -25.06 -0.04 -28.04
C TYR A 50 -26.34 -0.39 -28.80
N ASN A 51 -26.93 0.61 -29.42
CA ASN A 51 -28.16 0.42 -30.20
C ASN A 51 -27.97 0.99 -31.60
N GLN A 52 -27.94 0.09 -32.58
CA GLN A 52 -27.74 0.44 -33.98
C GLN A 52 -28.68 1.51 -34.55
N LYS A 53 -29.88 1.63 -33.99
CA LYS A 53 -30.86 2.57 -34.50
C LYS A 53 -31.03 3.93 -33.81
N GLU A 54 -30.56 4.06 -32.58
CA GLU A 54 -30.72 5.34 -31.88
C GLU A 54 -30.05 5.40 -30.50
N GLY A 55 -29.76 6.63 -30.07
CA GLY A 55 -29.14 6.88 -28.78
C GLY A 55 -27.68 7.29 -28.94
N HIS A 56 -27.06 7.68 -27.83
CA HIS A 56 -25.66 8.10 -27.84
C HIS A 56 -24.76 7.17 -27.01
N PHE A 57 -23.76 6.59 -27.67
CA PHE A 57 -22.81 5.69 -27.04
C PHE A 57 -21.41 6.10 -27.45
N PRO A 58 -20.87 7.16 -26.83
CA PRO A 58 -19.57 7.80 -27.06
C PRO A 58 -18.39 6.86 -26.93
N ARG A 59 -18.50 5.86 -26.06
CA ARG A 59 -17.43 4.90 -25.85
C ARG A 59 -17.47 3.79 -26.89
N VAL A 60 -18.65 3.59 -27.49
CA VAL A 60 -18.83 2.55 -28.50
C VAL A 60 -18.57 3.04 -29.92
N THR A 61 -17.88 2.21 -30.70
CA THR A 61 -17.55 2.53 -32.09
C THR A 61 -17.69 1.27 -32.95
N THR A 62 -18.21 1.44 -34.16
CA THR A 62 -18.40 0.30 -35.08
C THR A 62 -17.11 -0.12 -35.76
N VAL A 63 -16.81 -1.42 -35.71
CA VAL A 63 -15.56 -1.98 -36.24
C VAL A 63 -15.58 -2.22 -37.75
N SER A 64 -16.75 -2.04 -38.37
CA SER A 64 -16.87 -2.17 -39.82
C SER A 64 -17.44 -0.89 -40.42
N LYS A 68 -22.63 0.28 -45.41
CA LYS A 68 -23.62 -0.15 -46.39
C LYS A 68 -24.81 -0.85 -45.73
N ARG A 69 -25.87 -1.05 -46.51
CA ARG A 69 -27.09 -1.70 -46.03
C ARG A 69 -26.89 -3.21 -45.92
N GLU A 70 -26.00 -3.75 -46.74
CA GLU A 70 -25.71 -5.18 -46.75
C GLU A 70 -24.63 -5.53 -45.74
N ASN A 71 -24.38 -4.60 -44.83
CA ASN A 71 -23.39 -4.80 -43.77
C ASN A 71 -23.87 -5.91 -42.84
N MET A 72 -23.01 -6.89 -42.60
CA MET A 72 -23.34 -8.02 -41.72
C MET A 72 -22.44 -8.18 -40.50
N ASP A 73 -21.44 -7.29 -40.38
CA ASP A 73 -20.52 -7.32 -39.25
C ASP A 73 -20.90 -6.23 -38.22
N PHE A 74 -21.24 -6.68 -37.02
CA PHE A 74 -21.68 -5.76 -35.98
C PHE A 74 -20.73 -5.70 -34.79
N SER A 75 -19.46 -6.02 -35.03
CA SER A 75 -18.43 -5.97 -34.01
C SER A 75 -18.31 -4.56 -33.47
N ILE A 76 -18.07 -4.43 -32.17
CA ILE A 76 -17.90 -3.10 -31.57
C ILE A 76 -16.56 -2.95 -30.87
N SER A 77 -16.16 -1.70 -30.69
CA SER A 77 -14.96 -1.36 -29.95
C SER A 77 -15.42 -0.44 -28.82
N ILE A 78 -14.93 -0.72 -27.61
CA ILE A 78 -15.23 0.13 -26.45
C ILE A 78 -13.92 0.71 -25.94
N SER A 79 -13.80 2.03 -25.98
CA SER A 79 -12.58 2.71 -25.56
C SER A 79 -12.46 2.86 -24.05
N ASN A 80 -11.23 3.09 -23.59
CA ASN A 80 -10.97 3.44 -22.19
C ASN A 80 -11.59 2.47 -21.19
N ILE A 81 -11.22 1.19 -21.31
CA ILE A 81 -11.77 0.14 -20.46
C ILE A 81 -11.35 0.25 -18.99
N THR A 82 -12.28 -0.03 -18.10
CA THR A 82 -11.99 -0.07 -16.66
C THR A 82 -12.44 -1.43 -16.12
N PRO A 83 -11.98 -1.79 -14.92
CA PRO A 83 -12.44 -3.06 -14.33
C PRO A 83 -13.96 -3.17 -14.30
N ALA A 84 -14.64 -2.04 -14.13
CA ALA A 84 -16.09 -2.01 -14.08
C ALA A 84 -16.77 -2.36 -15.40
N ASP A 85 -15.99 -2.52 -16.48
CA ASP A 85 -16.57 -2.93 -17.75
C ASP A 85 -16.57 -4.45 -17.89
N ALA A 86 -15.93 -5.12 -16.94
CA ALA A 86 -15.89 -6.58 -16.96
C ALA A 86 -17.32 -7.15 -16.97
N GLY A 87 -17.50 -8.28 -17.62
CA GLY A 87 -18.82 -8.90 -17.72
C GLY A 87 -19.01 -9.67 -19.01
N THR A 88 -20.20 -10.23 -19.19
CA THR A 88 -20.51 -10.97 -20.42
C THR A 88 -21.35 -10.11 -21.35
N TYR A 89 -20.88 -9.97 -22.59
CA TYR A 89 -21.56 -9.16 -23.59
C TYR A 89 -22.29 -10.01 -24.62
N TYR A 90 -23.52 -9.62 -24.91
CA TYR A 90 -24.35 -10.33 -25.88
C TYR A 90 -24.74 -9.44 -27.05
N CYS A 91 -24.56 -9.98 -28.25
CA CYS A 91 -24.99 -9.35 -29.49
C CYS A 91 -26.38 -9.92 -29.77
N VAL A 92 -27.39 -9.06 -29.85
CA VAL A 92 -28.78 -9.51 -30.00
C VAL A 92 -29.50 -8.91 -31.21
N LYS A 93 -30.15 -9.77 -31.98
CA LYS A 93 -30.92 -9.35 -33.15
C LYS A 93 -32.39 -9.12 -32.78
N PHE A 94 -32.93 -7.99 -33.23
CA PHE A 94 -34.33 -7.65 -32.98
C PHE A 94 -35.11 -7.61 -34.30
N ARG A 95 -36.42 -7.83 -34.22
CA ARG A 95 -37.30 -7.66 -35.36
C ARG A 95 -37.85 -6.24 -35.31
N LYS A 96 -37.98 -5.61 -36.48
CA LYS A 96 -38.51 -4.26 -36.58
C LYS A 96 -39.89 -4.19 -35.93
N GLY A 97 -40.21 -3.05 -35.35
CA GLY A 97 -41.48 -2.86 -34.68
C GLY A 97 -41.48 -1.70 -33.72
N SER A 98 -42.60 -1.52 -33.01
CA SER A 98 -42.73 -0.44 -32.05
C SER A 98 -43.47 -0.90 -30.81
N PRO A 99 -42.73 -1.37 -29.78
CA PRO A 99 -41.26 -1.43 -29.81
C PRO A 99 -40.74 -2.65 -30.55
N ASP A 100 -39.45 -2.62 -30.88
CA ASP A 100 -38.81 -3.73 -31.56
C ASP A 100 -38.64 -4.91 -30.61
N THR A 101 -39.09 -6.08 -31.04
CA THR A 101 -39.02 -7.29 -30.23
C THR A 101 -37.71 -8.06 -30.44
N GLU A 102 -37.32 -8.89 -29.47
CA GLU A 102 -36.09 -9.67 -29.59
C GLU A 102 -36.27 -10.90 -30.48
N PHE A 103 -35.25 -11.22 -31.26
CA PHE A 103 -35.33 -12.33 -32.20
C PHE A 103 -34.36 -13.46 -31.88
N LYS A 104 -33.07 -13.17 -31.86
CA LYS A 104 -32.05 -14.17 -31.57
C LYS A 104 -30.88 -13.52 -30.88
N SER A 105 -30.25 -14.25 -29.97
CA SER A 105 -29.09 -13.75 -29.23
C SER A 105 -27.84 -14.55 -29.53
N GLY A 106 -26.71 -13.85 -29.57
CA GLY A 106 -25.41 -14.49 -29.69
C GLY A 106 -25.15 -15.24 -28.39
N ALA A 107 -24.12 -16.08 -28.40
CA ALA A 107 -23.77 -16.92 -27.26
C ALA A 107 -23.08 -16.20 -26.12
N GLY A 108 -22.67 -14.96 -26.36
CA GLY A 108 -22.01 -14.16 -25.36
C GLY A 108 -20.50 -14.22 -25.39
N THR A 109 -19.87 -13.10 -25.05
CA THR A 109 -18.42 -12.98 -24.97
C THR A 109 -18.07 -12.43 -23.57
N GLU A 110 -17.26 -13.17 -22.82
CA GLU A 110 -16.85 -12.72 -21.50
C GLU A 110 -15.65 -11.78 -21.59
N LEU A 111 -15.83 -10.56 -21.15
CA LEU A 111 -14.73 -9.59 -21.13
C LEU A 111 -14.12 -9.56 -19.73
N SER A 112 -12.82 -9.84 -19.65
CA SER A 112 -12.08 -9.72 -18.40
C SER A 112 -11.06 -8.58 -18.56
N VAL A 113 -10.86 -7.82 -17.48
CA VAL A 113 -10.03 -6.62 -17.49
C VAL A 113 -8.83 -6.73 -16.56
N ARG A 114 -7.65 -6.42 -17.08
CA ARG A 114 -6.42 -6.50 -16.29
C ARG A 114 -6.01 -5.15 -15.71
N ALA A 115 -5.88 -5.09 -14.40
CA ALA A 115 -5.48 -3.86 -13.75
C ALA A 115 -4.25 -4.07 -12.87
N LYS A 116 -3.43 -3.03 -12.76
CA LYS A 116 -2.24 -3.08 -11.92
C LYS A 116 -2.59 -2.85 -10.45
N PRO A 117 -1.82 -3.45 -9.54
CA PRO A 117 -1.95 -3.21 -8.10
C PRO A 117 -1.43 -1.80 -7.83
N SER A 118 -1.99 -1.15 -6.80
CA SER A 118 -1.52 0.16 -6.42
C SER A 118 -0.21 -0.01 -5.65
N ALA A 119 0.51 1.10 -5.43
CA ALA A 119 1.79 1.03 -4.72
C ALA A 119 1.56 0.52 -3.31
N PRO A 120 2.29 -0.52 -2.92
CA PRO A 120 2.11 -1.06 -1.57
C PRO A 120 2.38 0.01 -0.52
N VAL A 121 1.45 0.16 0.41
CA VAL A 121 1.61 1.11 1.51
C VAL A 121 1.93 0.30 2.75
N VAL A 122 3.06 0.64 3.38
CA VAL A 122 3.54 -0.05 4.59
C VAL A 122 3.43 0.84 5.81
N SER A 123 2.73 0.36 6.82
CA SER A 123 2.58 1.08 8.08
C SER A 123 3.15 0.27 9.24
N GLY A 124 3.89 0.95 10.10
CA GLY A 124 4.44 0.37 11.30
C GLY A 124 3.50 0.73 12.43
N PRO A 125 3.80 0.28 13.65
CA PRO A 125 2.96 0.54 14.82
C PRO A 125 2.89 2.03 15.15
N ALA A 126 1.88 2.40 15.94
CA ALA A 126 1.66 3.78 16.33
C ALA A 126 2.68 4.34 17.33
N ALA A 127 3.17 3.49 18.23
CA ALA A 127 4.16 3.90 19.23
C ALA A 127 5.47 3.15 19.02
N ARG A 128 6.56 3.74 19.50
CA ARG A 128 7.88 3.12 19.36
C ARG A 128 8.10 1.96 20.30
N ALA A 129 9.06 1.10 19.96
CA ALA A 129 9.42 -0.05 20.79
C ALA A 129 10.94 -0.12 20.91
N THR A 130 11.42 -0.74 21.97
CA THR A 130 12.85 -0.87 22.20
C THR A 130 13.39 -2.16 21.56
N PRO A 131 14.72 -2.25 21.37
CA PRO A 131 15.31 -3.47 20.80
C PRO A 131 14.83 -4.75 21.48
N GLN A 132 14.70 -5.81 20.68
CA GLN A 132 14.25 -7.13 21.13
C GLN A 132 12.75 -7.26 21.31
N HIS A 133 12.01 -6.20 21.01
CA HIS A 133 10.56 -6.29 21.00
C HIS A 133 10.10 -6.64 19.59
N THR A 134 8.94 -7.27 19.50
CA THR A 134 8.36 -7.63 18.21
C THR A 134 7.32 -6.57 17.90
N VAL A 135 7.33 -6.06 16.68
CA VAL A 135 6.32 -5.11 16.23
C VAL A 135 5.68 -5.57 14.91
N SER A 136 4.45 -5.14 14.69
CA SER A 136 3.71 -5.50 13.48
C SER A 136 3.80 -4.42 12.41
N PHE A 137 3.94 -4.85 11.17
CA PHE A 137 3.86 -3.94 10.05
C PHE A 137 2.72 -4.42 9.16
N THR A 138 2.02 -3.49 8.55
CA THR A 138 0.93 -3.84 7.63
C THR A 138 1.30 -3.35 6.26
N CYS A 139 0.94 -4.13 5.25
CA CYS A 139 1.17 -3.77 3.87
C CYS A 139 -0.21 -3.82 3.21
N GLU A 140 -0.43 -2.98 2.21
CA GLU A 140 -1.74 -2.86 1.59
C GLU A 140 -1.61 -2.45 0.13
N SER A 141 -2.32 -3.15 -0.75
CA SER A 141 -2.36 -2.81 -2.17
C SER A 141 -3.77 -3.07 -2.71
N HIS A 142 -4.27 -2.16 -3.54
CA HIS A 142 -5.64 -2.26 -4.05
C HIS A 142 -5.83 -2.19 -5.55
N GLY A 143 -6.97 -2.71 -6.02
CA GLY A 143 -7.47 -2.59 -7.38
C GLY A 143 -6.87 -3.36 -8.52
N PHE A 144 -6.37 -4.55 -8.26
CA PHE A 144 -5.82 -5.37 -9.32
C PHE A 144 -6.78 -6.48 -9.79
N SER A 145 -6.57 -6.91 -11.02
CA SER A 145 -7.16 -8.15 -11.55
C SER A 145 -6.22 -8.69 -12.62
N PRO A 146 -6.11 -10.02 -12.71
CA PRO A 146 -6.90 -10.96 -11.92
C PRO A 146 -6.58 -10.95 -10.43
N ARG A 147 -7.26 -11.81 -9.69
CA ARG A 147 -7.13 -11.89 -8.24
C ARG A 147 -5.73 -12.35 -7.84
N ASP A 148 -5.12 -13.19 -8.67
CA ASP A 148 -3.80 -13.73 -8.36
C ASP A 148 -2.68 -12.70 -8.15
N ILE A 149 -1.94 -12.87 -7.07
CA ILE A 149 -0.89 -11.93 -6.73
C ILE A 149 0.07 -12.59 -5.78
N THR A 150 1.30 -12.08 -5.73
CA THR A 150 2.31 -12.59 -4.80
C THR A 150 2.86 -11.46 -3.94
N LEU A 151 2.83 -11.65 -2.62
CA LEU A 151 3.34 -10.64 -1.69
C LEU A 151 4.49 -11.20 -0.88
N LYS A 152 5.57 -10.42 -0.77
CA LYS A 152 6.74 -10.84 -0.02
C LYS A 152 7.16 -9.77 0.97
N TRP A 153 7.81 -10.17 2.05
CA TRP A 153 8.28 -9.24 3.05
C TRP A 153 9.79 -9.38 3.19
N PHE A 154 10.47 -8.25 3.36
CA PHE A 154 11.91 -8.26 3.59
C PHE A 154 12.28 -7.31 4.70
N LYS A 155 13.32 -7.66 5.44
CA LYS A 155 13.93 -6.76 6.39
C LYS A 155 15.38 -6.63 5.92
N ASN A 156 15.73 -5.47 5.37
CA ASN A 156 17.09 -5.24 4.88
C ASN A 156 17.56 -6.29 3.87
N GLY A 157 16.67 -6.84 3.07
CA GLY A 157 17.13 -7.80 2.07
C GLY A 157 16.88 -9.25 2.42
N ASN A 158 16.66 -9.54 3.69
CA ASN A 158 16.34 -10.91 4.11
C ASN A 158 14.83 -11.11 4.07
N GLU A 159 14.37 -12.11 3.32
CA GLU A 159 12.95 -12.38 3.24
C GLU A 159 12.49 -12.81 4.64
N LEU A 160 11.33 -12.31 5.08
CA LEU A 160 10.76 -12.72 6.37
C LEU A 160 9.70 -13.79 6.12
N SER A 161 9.35 -14.55 7.15
CA SER A 161 8.35 -15.60 6.99
C SER A 161 7.17 -15.43 7.94
N ASP A 162 7.38 -14.63 8.99
CA ASP A 162 6.35 -14.47 10.01
C ASP A 162 5.31 -13.41 9.66
N PHE A 163 4.36 -13.81 8.82
CA PHE A 163 3.32 -12.90 8.38
C PHE A 163 2.06 -13.62 7.93
N GLN A 164 0.98 -12.86 7.84
CA GLN A 164 -0.31 -13.37 7.40
C GLN A 164 -0.91 -12.44 6.36
N THR A 165 -1.45 -13.03 5.29
CA THR A 165 -1.96 -12.31 4.14
C THR A 165 -3.39 -12.66 3.78
N ASN A 166 -4.13 -11.67 3.29
CA ASN A 166 -5.52 -11.87 2.91
C ASN A 166 -5.82 -11.13 1.63
N VAL A 167 -6.55 -11.80 0.73
CA VAL A 167 -7.00 -11.21 -0.52
C VAL A 167 -8.55 -11.17 -0.51
N ASP A 168 -9.11 -10.01 -0.77
CA ASP A 168 -10.55 -9.85 -0.76
C ASP A 168 -11.01 -9.04 -1.98
N PRO A 169 -12.22 -9.32 -2.47
CA PRO A 169 -13.14 -10.34 -1.95
C PRO A 169 -12.60 -11.74 -2.20
N VAL A 170 -13.13 -12.69 -1.46
CA VAL A 170 -12.83 -14.10 -1.67
C VAL A 170 -13.68 -14.49 -2.88
N GLY A 171 -14.86 -13.90 -2.97
CA GLY A 171 -15.78 -14.10 -4.09
C GLY A 171 -15.33 -13.34 -5.33
N GLU A 172 -16.18 -13.32 -6.35
CA GLU A 172 -15.85 -12.66 -7.60
C GLU A 172 -16.07 -11.16 -7.60
N SER A 173 -15.13 -10.43 -8.20
CA SER A 173 -15.27 -8.99 -8.36
C SER A 173 -14.39 -8.51 -9.50
N VAL A 174 -14.46 -7.21 -9.76
CA VAL A 174 -13.69 -6.64 -10.87
C VAL A 174 -12.29 -6.26 -10.43
N SER A 175 -12.12 -5.91 -9.16
CA SER A 175 -10.81 -5.62 -8.63
C SER A 175 -10.66 -6.23 -7.25
N TYR A 176 -9.41 -6.51 -6.89
CA TYR A 176 -9.11 -7.13 -5.61
C TYR A 176 -8.12 -6.31 -4.79
N SER A 177 -8.09 -6.57 -3.48
CA SER A 177 -7.15 -5.90 -2.60
C SER A 177 -6.40 -6.95 -1.83
N ILE A 178 -5.19 -6.60 -1.41
CA ILE A 178 -4.39 -7.51 -0.59
C ILE A 178 -3.97 -6.80 0.69
N HIS A 179 -4.05 -7.53 1.80
CA HIS A 179 -3.64 -6.98 3.08
C HIS A 179 -2.76 -7.97 3.81
N SER A 180 -1.60 -7.53 4.27
CA SER A 180 -0.66 -8.43 4.93
C SER A 180 -0.05 -7.83 6.20
N THR A 181 0.16 -8.67 7.21
CA THR A 181 0.77 -8.23 8.47
C THR A 181 1.97 -9.10 8.80
N ALA A 182 3.12 -8.46 9.01
CA ALA A 182 4.34 -9.19 9.36
C ALA A 182 4.83 -8.83 10.76
N LYS A 183 5.41 -9.81 11.46
CA LYS A 183 5.93 -9.56 12.80
C LYS A 183 7.43 -9.38 12.74
N VAL A 184 7.91 -8.26 13.27
CA VAL A 184 9.32 -7.95 13.13
C VAL A 184 9.98 -7.72 14.46
N VAL A 185 11.08 -8.42 14.69
CA VAL A 185 11.83 -8.29 15.94
C VAL A 185 12.90 -7.22 15.80
N LEU A 186 12.80 -6.17 16.61
CA LEU A 186 13.77 -5.07 16.54
C LEU A 186 15.08 -5.43 17.21
N THR A 187 16.19 -5.00 16.62
CA THR A 187 17.51 -5.18 17.23
C THR A 187 18.05 -3.79 17.52
N ARG A 188 19.19 -3.73 18.20
CA ARG A 188 19.80 -2.45 18.54
C ARG A 188 20.46 -1.81 17.32
N GLU A 189 20.47 -2.53 16.21
CA GLU A 189 21.06 -2.01 14.97
C GLU A 189 20.05 -1.51 13.94
N ASP A 190 18.78 -1.39 14.34
CA ASP A 190 17.72 -1.03 13.41
C ASP A 190 17.39 0.41 13.07
N VAL A 191 18.19 1.35 13.57
CA VAL A 191 17.95 2.76 13.24
C VAL A 191 18.07 3.00 11.75
N HIS A 192 18.96 2.27 11.10
CA HIS A 192 19.18 2.40 9.67
C HIS A 192 18.49 1.30 8.86
N SER A 193 17.70 0.47 9.54
CA SER A 193 17.03 -0.63 8.88
C SER A 193 15.75 -0.22 8.15
N GLN A 194 15.35 -1.06 7.20
CA GLN A 194 14.17 -0.81 6.40
C GLN A 194 13.39 -2.12 6.27
N VAL A 195 12.07 -2.04 6.33
CA VAL A 195 11.20 -3.21 6.13
C VAL A 195 10.53 -3.00 4.77
N ILE A 196 10.47 -4.05 3.96
CA ILE A 196 9.98 -3.94 2.60
C ILE A 196 8.89 -4.93 2.23
N CYS A 197 7.85 -4.42 1.61
CA CYS A 197 6.78 -5.27 1.16
C CYS A 197 6.70 -5.18 -0.36
N GLU A 198 6.91 -6.30 -1.06
CA GLU A 198 6.84 -6.27 -2.52
C GLU A 198 5.76 -7.18 -3.09
N VAL A 199 5.07 -6.68 -4.10
CA VAL A 199 4.00 -7.43 -4.75
C VAL A 199 4.32 -7.72 -6.21
N ALA A 200 4.01 -8.94 -6.63
CA ALA A 200 4.17 -9.36 -8.01
C ALA A 200 2.79 -9.70 -8.59
N HIS A 201 2.52 -9.18 -9.78
CA HIS A 201 1.24 -9.38 -10.49
C HIS A 201 1.54 -9.47 -11.98
N VAL A 202 0.66 -10.14 -12.73
CA VAL A 202 0.83 -10.31 -14.18
C VAL A 202 0.88 -8.99 -14.93
N THR A 203 0.05 -8.02 -14.52
CA THR A 203 0.04 -6.73 -15.19
C THR A 203 1.34 -5.95 -15.00
N LEU A 204 2.32 -6.56 -14.35
CA LEU A 204 3.57 -5.87 -14.05
C LEU A 204 4.73 -6.41 -14.87
N GLN A 205 5.29 -5.54 -15.71
CA GLN A 205 6.39 -5.90 -16.59
C GLN A 205 7.68 -6.20 -15.84
N GLY A 206 7.77 -7.41 -15.30
CA GLY A 206 8.97 -7.89 -14.62
C GLY A 206 9.29 -7.35 -13.25
N ASP A 207 9.27 -6.02 -13.11
CA ASP A 207 9.63 -5.39 -11.84
C ASP A 207 8.48 -5.25 -10.84
N PRO A 208 8.60 -5.94 -9.68
CA PRO A 208 7.58 -5.88 -8.62
C PRO A 208 7.49 -4.48 -8.02
N LEU A 209 6.30 -4.13 -7.53
CA LEU A 209 6.10 -2.87 -6.83
C LEU A 209 6.56 -3.06 -5.38
N ARG A 210 7.23 -2.04 -4.85
CA ARG A 210 7.75 -2.12 -3.50
C ARG A 210 7.26 -0.96 -2.64
N GLY A 211 7.04 -1.24 -1.36
CA GLY A 211 6.67 -0.27 -0.35
C GLY A 211 7.66 -0.43 0.79
N THR A 212 8.15 0.68 1.33
CA THR A 212 9.15 0.62 2.38
C THR A 212 8.69 1.27 3.65
N ALA A 213 9.32 0.87 4.74
CA ALA A 213 9.11 1.52 6.02
C ALA A 213 10.47 1.50 6.68
N ASN A 214 10.88 2.66 7.17
CA ASN A 214 12.15 2.81 7.88
C ASN A 214 11.94 2.56 9.35
N LEU A 215 12.74 1.66 9.92
CA LEU A 215 12.62 1.34 11.34
C LEU A 215 12.97 2.52 12.26
N SER A 216 13.64 3.52 11.71
CA SER A 216 14.00 4.72 12.48
C SER A 216 12.75 5.41 13.02
N GLU A 217 11.61 5.15 12.38
CA GLU A 217 10.37 5.79 12.80
C GLU A 217 9.69 5.02 13.92
N THR A 218 10.20 3.83 14.19
CA THR A 218 9.56 2.88 15.07
C THR A 218 10.39 2.54 16.29
N ILE A 219 11.70 2.63 16.15
CA ILE A 219 12.60 2.24 17.22
C ILE A 219 12.87 3.31 18.24
N ARG A 220 13.06 2.89 19.48
CA ARG A 220 13.51 3.76 20.55
C ARG A 220 14.63 3.04 21.29
N VAL A 221 15.80 3.66 21.36
CA VAL A 221 16.96 3.08 22.05
C VAL A 221 17.30 4.01 23.20
N PRO A 222 17.02 3.59 24.45
CA PRO A 222 17.23 4.38 25.65
C PRO A 222 18.69 4.68 25.96
N PRO A 223 18.96 5.87 26.51
CA PRO A 223 20.34 6.25 26.82
C PRO A 223 20.93 5.49 28.00
N THR A 224 22.26 5.38 28.02
CA THR A 224 22.94 4.91 29.20
C THR A 224 23.44 6.20 29.87
N LEU A 225 23.34 6.22 31.20
CA LEU A 225 23.80 7.37 31.99
C LEU A 225 25.08 7.00 32.71
N GLU A 226 25.92 8.00 32.92
CA GLU A 226 27.15 7.82 33.66
C GLU A 226 27.52 9.18 34.23
N VAL A 227 27.56 9.26 35.55
CA VAL A 227 27.83 10.52 36.24
C VAL A 227 29.18 10.46 36.95
N THR A 228 30.08 11.38 36.59
CA THR A 228 31.39 11.42 37.22
C THR A 228 31.78 12.83 37.66
N GLN A 229 32.98 12.94 38.18
CA GLN A 229 33.49 14.20 38.69
C GLN A 229 34.90 14.42 38.18
N GLN A 230 35.17 15.66 37.80
CA GLN A 230 36.44 16.02 37.18
C GLN A 230 37.23 17.00 38.03
N PRO A 231 38.56 16.98 37.89
CA PRO A 231 39.39 17.92 38.65
C PRO A 231 39.17 19.35 38.17
N VAL A 232 38.99 20.27 39.11
CA VAL A 232 38.82 21.68 38.77
C VAL A 232 40.03 22.48 39.28
N ARG A 233 40.52 23.39 38.46
CA ARG A 233 41.65 24.24 38.84
C ARG A 233 41.31 25.03 40.09
N ALA A 234 40.32 25.90 39.97
CA ALA A 234 39.86 26.68 41.11
C ALA A 234 39.44 25.71 42.21
N GLU A 235 39.65 26.11 43.47
CA GLU A 235 39.23 25.29 44.59
C GLU A 235 37.79 25.67 44.93
N ASN A 236 37.12 24.83 45.69
CA ASN A 236 35.72 25.06 46.04
C ASN A 236 34.80 24.82 44.84
N GLN A 237 35.35 24.20 43.80
CA GLN A 237 34.57 23.89 42.60
C GLN A 237 34.89 22.49 42.12
N VAL A 238 33.85 21.77 41.68
CA VAL A 238 34.02 20.48 41.05
C VAL A 238 33.20 20.44 39.78
N ASN A 239 33.79 19.86 38.75
CA ASN A 239 33.12 19.66 37.47
C ASN A 239 32.43 18.29 37.55
N VAL A 240 31.10 18.29 37.58
CA VAL A 240 30.33 17.04 37.59
C VAL A 240 29.70 16.83 36.22
N THR A 241 29.93 15.67 35.64
CA THR A 241 29.45 15.40 34.29
C THR A 241 28.51 14.22 34.22
N CYS A 242 27.60 14.29 33.25
CA CYS A 242 26.71 13.20 32.98
C CYS A 242 26.83 12.90 31.50
N GLN A 243 27.23 11.68 31.17
CA GLN A 243 27.30 11.29 29.78
C GLN A 243 26.05 10.46 29.45
N VAL A 244 25.31 10.94 28.46
CA VAL A 244 24.11 10.30 27.95
C VAL A 244 24.49 9.69 26.61
N ARG A 245 24.69 8.39 26.58
CA ARG A 245 25.21 7.76 25.38
C ARG A 245 24.30 6.78 24.67
N LYS A 246 24.46 6.72 23.34
CA LYS A 246 23.76 5.76 22.50
C LYS A 246 22.25 5.76 22.60
N PHE A 247 21.62 6.90 22.31
CA PHE A 247 20.17 6.99 22.34
C PHE A 247 19.55 7.39 21.01
N TYR A 248 18.25 7.11 20.88
CA TYR A 248 17.50 7.42 19.69
C TYR A 248 16.01 7.31 19.99
N PRO A 249 15.20 8.27 19.51
CA PRO A 249 15.68 9.39 18.69
C PRO A 249 16.31 10.51 19.54
N GLN A 250 16.65 11.60 18.88
CA GLN A 250 17.28 12.73 19.53
C GLN A 250 16.26 13.69 20.12
N ARG A 251 15.65 13.26 21.21
CA ARG A 251 14.71 14.08 21.95
C ARG A 251 15.01 13.69 23.38
N LEU A 252 15.69 14.57 24.08
CA LEU A 252 16.14 14.28 25.42
C LEU A 252 16.21 15.53 26.25
N GLN A 253 15.61 15.46 27.43
CA GLN A 253 15.62 16.55 28.40
C GLN A 253 16.33 16.08 29.66
N LEU A 254 17.21 16.93 30.18
CA LEU A 254 18.02 16.60 31.35
C LEU A 254 17.94 17.66 32.43
N THR A 255 17.60 17.23 33.63
CA THR A 255 17.51 18.11 34.79
C THR A 255 18.59 17.75 35.80
N TRP A 256 19.38 18.74 36.22
CA TRP A 256 20.41 18.51 37.23
C TRP A 256 19.82 18.75 38.62
N LEU A 257 19.99 17.78 39.50
CA LEU A 257 19.44 17.89 40.85
C LEU A 257 20.51 18.00 41.94
N GLU A 258 20.19 18.72 43.00
CA GLU A 258 21.08 18.82 44.15
C GLU A 258 20.31 18.47 45.42
N ASN A 259 20.46 17.21 45.85
CA ASN A 259 19.78 16.72 47.03
C ASN A 259 18.25 16.81 46.89
N GLY A 260 17.75 16.72 45.65
CA GLY A 260 16.33 16.79 45.41
C GLY A 260 15.88 18.19 44.99
N ASN A 261 16.85 19.07 44.77
CA ASN A 261 16.56 20.45 44.37
C ASN A 261 16.97 20.70 42.92
N VAL A 262 16.04 21.16 42.11
CA VAL A 262 16.31 21.42 40.70
C VAL A 262 17.33 22.54 40.51
N SER A 263 18.53 22.16 40.10
CA SER A 263 19.58 23.13 39.83
C SER A 263 19.48 23.72 38.43
N ARG A 264 19.15 22.88 37.45
CA ARG A 264 19.14 23.30 36.05
C ARG A 264 18.47 22.27 35.14
N THR A 265 17.82 22.74 34.08
CA THR A 265 17.16 21.89 33.11
C THR A 265 17.70 22.17 31.71
N GLU A 266 17.78 21.15 30.88
CA GLU A 266 18.42 21.31 29.59
C GLU A 266 17.89 20.34 28.54
N THR A 267 17.94 20.76 27.28
CA THR A 267 17.55 19.92 26.16
C THR A 267 18.80 19.64 25.34
N ALA A 268 19.00 18.38 24.95
CA ALA A 268 20.15 18.02 24.14
C ALA A 268 20.04 18.74 22.80
N SER A 269 21.09 19.45 22.41
CA SER A 269 21.04 20.28 21.22
C SER A 269 22.08 19.90 20.19
N THR A 270 23.31 19.71 20.64
CA THR A 270 24.40 19.36 19.76
C THR A 270 24.96 18.02 20.18
N VAL A 271 24.58 16.98 19.46
CA VAL A 271 24.98 15.63 19.79
C VAL A 271 25.98 15.08 18.80
N THR A 272 26.68 14.02 19.18
CA THR A 272 27.54 13.32 18.24
C THR A 272 26.73 12.12 17.77
N GLU A 273 27.16 11.50 16.67
CA GLU A 273 26.44 10.37 16.12
C GLU A 273 27.34 9.13 16.12
N ASN A 274 26.73 7.97 16.31
CA ASN A 274 27.47 6.73 16.29
C ASN A 274 27.24 6.01 14.97
N LYS A 275 28.01 4.97 14.72
CA LYS A 275 27.89 4.23 13.47
C LYS A 275 26.52 3.59 13.30
N ASP A 276 25.86 3.30 14.41
CA ASP A 276 24.54 2.66 14.36
C ASP A 276 23.35 3.61 14.30
N GLY A 277 23.60 4.91 14.16
CA GLY A 277 22.54 5.89 14.03
C GLY A 277 22.03 6.48 15.32
N THR A 278 22.63 6.10 16.44
CA THR A 278 22.24 6.66 17.73
C THR A 278 23.12 7.85 18.05
N TYR A 279 22.73 8.60 19.07
CA TYR A 279 23.45 9.82 19.40
C TYR A 279 24.07 9.76 20.78
N ASN A 280 25.05 10.63 20.99
CA ASN A 280 25.72 10.78 22.27
C ASN A 280 25.64 12.24 22.69
N TRP A 281 25.55 12.47 24.00
CA TRP A 281 25.48 13.82 24.52
C TRP A 281 26.02 13.86 25.95
N MET A 282 26.44 15.04 26.37
CA MET A 282 26.97 15.16 27.72
C MET A 282 26.70 16.53 28.29
N SER A 283 26.32 16.54 29.55
CA SER A 283 26.05 17.76 30.28
C SER A 283 27.03 17.81 31.46
N TRP A 284 27.52 18.98 31.78
CA TRP A 284 28.43 19.11 32.93
C TRP A 284 28.08 20.38 33.68
N LEU A 285 28.29 20.38 34.99
CA LEU A 285 28.08 21.57 35.77
C LEU A 285 29.20 21.80 36.77
N LEU A 286 29.47 23.06 37.09
CA LEU A 286 30.48 23.40 38.08
C LEU A 286 29.76 23.52 39.43
N VAL A 287 30.23 22.78 40.43
CA VAL A 287 29.57 22.81 41.74
C VAL A 287 30.44 23.48 42.80
N ASP A 295 28.54 15.88 52.69
CA ASP A 295 27.33 15.10 52.49
C ASP A 295 26.40 15.79 51.49
N VAL A 296 26.63 15.55 50.19
CA VAL A 296 25.81 16.18 49.16
C VAL A 296 25.63 15.32 47.91
N LYS A 297 24.37 15.09 47.54
CA LYS A 297 24.06 14.27 46.39
C LYS A 297 23.74 15.06 45.13
N LEU A 298 24.34 14.64 44.01
CA LEU A 298 24.05 15.22 42.71
C LEU A 298 23.33 14.15 41.90
N THR A 299 22.22 14.53 41.28
CA THR A 299 21.44 13.60 40.49
C THR A 299 21.27 14.13 39.09
N CYS A 300 21.64 13.31 38.12
CA CYS A 300 21.47 13.60 36.70
C CYS A 300 20.15 12.89 36.32
N GLN A 301 19.12 13.66 36.02
CA GLN A 301 17.81 13.08 35.69
C GLN A 301 17.44 13.28 34.23
N VAL A 302 17.24 12.16 33.52
CA VAL A 302 16.95 12.21 32.10
C VAL A 302 15.55 11.77 31.68
N GLU A 303 14.93 12.55 30.80
CA GLU A 303 13.65 12.15 30.19
C GLU A 303 13.88 11.97 28.69
N HIS A 304 13.94 10.72 28.26
CA HIS A 304 14.18 10.47 26.85
C HIS A 304 12.88 10.26 26.07
N ASP A 305 12.70 11.07 25.03
CA ASP A 305 11.56 10.92 24.12
C ASP A 305 10.20 10.80 24.80
N GLY A 306 9.96 11.61 25.82
CA GLY A 306 8.68 11.61 26.50
C GLY A 306 8.46 10.42 27.42
N GLN A 307 9.52 9.69 27.72
CA GLN A 307 9.42 8.51 28.58
C GLN A 307 9.67 8.84 30.04
N PRO A 308 9.35 7.91 30.95
CA PRO A 308 9.58 8.13 32.38
C PRO A 308 11.06 8.41 32.67
N ALA A 309 11.30 9.40 33.53
CA ALA A 309 12.66 9.78 33.93
C ALA A 309 13.49 8.61 34.41
N VAL A 310 14.78 8.64 34.08
CA VAL A 310 15.75 7.69 34.59
C VAL A 310 16.83 8.61 35.16
N SER A 311 17.60 8.13 36.14
CA SER A 311 18.64 8.94 36.75
C SER A 311 19.79 8.16 37.38
N LYS A 312 20.95 8.81 37.44
CA LYS A 312 22.10 8.29 38.16
C LYS A 312 22.41 9.38 39.17
N SER A 313 22.80 8.98 40.37
CA SER A 313 23.15 9.93 41.42
C SER A 313 24.63 9.81 41.78
N HIS A 314 25.19 10.90 42.29
CA HIS A 314 26.60 10.96 42.66
C HIS A 314 26.79 11.78 43.93
N ASP A 315 27.87 11.48 44.66
CA ASP A 315 28.17 12.16 45.91
C ASP A 315 29.42 13.02 45.86
N LEU A 316 29.45 14.05 46.72
CA LEU A 316 30.57 14.98 46.76
C LEU A 316 31.75 14.55 47.64
N LYS A 317 32.95 14.83 47.16
CA LYS A 317 34.17 14.50 47.89
C LYS A 317 34.11 14.97 49.34
C1 NAG B . 33.83 19.62 32.59
C2 NAG B . 34.51 20.75 31.83
C3 NAG B . 34.07 20.67 30.36
C4 NAG B . 34.49 19.32 29.78
C5 NAG B . 33.79 18.25 30.61
C6 NAG B . 34.12 16.84 30.13
C7 NAG B . 35.14 22.95 32.58
C8 NAG B . 34.73 24.26 33.19
N2 NAG B . 34.16 22.03 32.42
O3 NAG B . 34.70 21.73 29.63
O4 NAG B . 34.10 19.21 28.41
O5 NAG B . 34.19 18.38 31.98
O6 NAG B . 35.53 16.66 30.05
O7 NAG B . 36.30 22.70 32.22
#